data_1YOB
#
_entry.id   1YOB
#
_cell.length_a   39.013
_cell.length_b   70.544
_cell.length_c   132.643
_cell.angle_alpha   90.00
_cell.angle_beta   90.00
_cell.angle_gamma   90.00
#
_symmetry.space_group_name_H-M   'P 21 21 21'
#
loop_
_entity.id
_entity.type
_entity.pdbx_description
1 polymer 'Flavodoxin 2'
2 non-polymer 'SULFATE ION'
3 non-polymer 'FLAVIN MONONUCLEOTIDE'
4 water water
#
_entity_poly.entity_id   1
_entity_poly.type   'polypeptide(L)'
_entity_poly.pdbx_seq_one_letter_code
;AKIGLFFGSNTGKTRKVAKSIKKRFDDETMSDALNVNRVSAEDFAQYQFLILGTPTLGEGELPGLSSDAENESWEEFLPK
IEGLDFSGKTVALFGLGDQVGYPENYLDALGELYSFFKDRGAKIVGSWSTDGYEFESSEAVVDGKFVGLALDLDNQSGKT
DERVAAWLAQIAPEFGLSL
;
_entity_poly.pdbx_strand_id   A,B
#
loop_
_chem_comp.id
_chem_comp.type
_chem_comp.name
_chem_comp.formula
FMN non-polymer 'FLAVIN MONONUCLEOTIDE' 'C17 H21 N4 O9 P'
SO4 non-polymer 'SULFATE ION' 'O4 S -2'
#
# COMPACT_ATOMS: atom_id res chain seq x y z
N ALA A 1 -30.32 22.52 -30.25
CA ALA A 1 -30.10 21.24 -29.51
C ALA A 1 -30.72 20.06 -30.26
N LYS A 2 -30.50 18.85 -29.76
CA LYS A 2 -31.05 17.66 -30.41
C LYS A 2 -32.36 17.22 -29.75
N ILE A 3 -32.42 17.34 -28.44
CA ILE A 3 -33.59 16.94 -27.67
C ILE A 3 -34.40 18.13 -27.17
N GLY A 4 -35.68 18.16 -27.54
CA GLY A 4 -36.54 19.24 -27.12
C GLY A 4 -37.17 18.99 -25.76
N LEU A 5 -36.90 19.87 -24.81
CA LEU A 5 -37.46 19.73 -23.48
C LEU A 5 -38.57 20.76 -23.32
N PHE A 6 -39.79 20.29 -23.15
CA PHE A 6 -40.94 21.17 -22.98
C PHE A 6 -41.74 20.80 -21.74
N PHE A 7 -42.43 21.77 -21.17
CA PHE A 7 -43.21 21.53 -19.98
C PHE A 7 -44.40 22.49 -19.88
N GLY A 8 -45.30 22.18 -18.95
CA GLY A 8 -46.47 22.98 -18.70
C GLY A 8 -46.54 23.10 -17.20
N SER A 9 -46.84 24.27 -16.67
CA SER A 9 -46.88 24.42 -15.22
C SER A 9 -47.70 25.62 -14.76
N ASN A 10 -48.29 25.49 -13.58
CA ASN A 10 -49.07 26.58 -13.02
C ASN A 10 -48.46 27.12 -11.74
N THR A 11 -47.87 26.23 -10.94
CA THR A 11 -47.25 26.68 -9.70
C THR A 11 -45.72 26.46 -9.70
N GLY A 12 -45.17 26.07 -10.84
CA GLY A 12 -43.73 25.89 -10.95
C GLY A 12 -43.04 24.57 -10.67
N LYS A 13 -43.74 23.58 -10.13
CA LYS A 13 -43.09 22.30 -9.86
C LYS A 13 -42.61 21.61 -11.13
N THR A 14 -43.49 21.44 -12.11
CA THR A 14 -43.13 20.77 -13.34
C THR A 14 -41.92 21.47 -13.97
N ARG A 15 -41.91 22.80 -13.88
CA ARG A 15 -40.79 23.60 -14.39
C ARG A 15 -39.50 23.24 -13.66
N LYS A 16 -39.57 23.19 -12.32
CA LYS A 16 -38.42 22.85 -11.49
C LYS A 16 -37.83 21.52 -11.95
N VAL A 17 -38.70 20.52 -12.07
CA VAL A 17 -38.29 19.20 -12.52
C VAL A 17 -37.64 19.25 -13.90
N ALA A 18 -38.26 19.99 -14.82
CA ALA A 18 -37.74 20.13 -16.16
C ALA A 18 -36.31 20.68 -16.13
N LYS A 19 -36.11 21.77 -15.40
CA LYS A 19 -34.79 22.37 -15.32
C LYS A 19 -33.80 21.38 -14.69
N SER A 20 -34.33 20.54 -13.81
CA SER A 20 -33.51 19.54 -13.14
C SER A 20 -33.00 18.54 -14.18
N ILE A 21 -33.89 18.17 -15.11
CA ILE A 21 -33.54 17.24 -16.17
C ILE A 21 -32.46 17.86 -17.03
N LYS A 22 -32.72 19.06 -17.53
CA LYS A 22 -31.77 19.76 -18.38
C LYS A 22 -30.45 20.04 -17.66
N LYS A 23 -30.45 19.92 -16.34
CA LYS A 23 -29.26 20.20 -15.54
C LYS A 23 -28.09 19.28 -15.87
N ARG A 24 -28.39 18.11 -16.42
CA ARG A 24 -27.31 17.18 -16.73
C ARG A 24 -27.01 16.92 -18.20
N PHE A 25 -27.40 17.85 -19.07
CA PHE A 25 -27.13 17.68 -20.50
C PHE A 25 -26.63 18.96 -21.18
N ASP A 26 -25.84 18.77 -22.24
CA ASP A 26 -25.25 19.84 -23.04
C ASP A 26 -26.24 20.75 -23.72
N ASP A 27 -25.74 21.88 -24.19
CA ASP A 27 -26.53 22.85 -24.93
C ASP A 27 -26.40 22.42 -26.39
N GLU A 28 -26.26 21.11 -26.58
CA GLU A 28 -26.13 20.53 -27.91
C GLU A 28 -26.89 19.21 -27.87
N THR A 29 -26.98 18.68 -26.66
CA THR A 29 -27.67 17.42 -26.41
C THR A 29 -29.15 17.72 -26.16
N MET A 30 -29.40 18.77 -25.39
CA MET A 30 -30.76 19.14 -25.03
C MET A 30 -30.94 20.64 -24.96
N SER A 31 -32.13 21.09 -25.32
CA SER A 31 -32.45 22.52 -25.28
C SER A 31 -32.87 22.86 -23.85
N ASP A 32 -32.98 24.15 -23.57
CA ASP A 32 -33.40 24.61 -22.25
C ASP A 32 -34.86 24.20 -22.02
N ALA A 33 -35.27 24.14 -20.77
CA ALA A 33 -36.63 23.79 -20.43
C ALA A 33 -37.52 24.93 -20.92
N LEU A 34 -38.37 24.64 -21.90
CA LEU A 34 -39.25 25.65 -22.46
C LEU A 34 -40.72 25.41 -22.13
N ASN A 35 -41.41 26.47 -21.73
CA ASN A 35 -42.84 26.40 -21.40
C ASN A 35 -43.61 26.46 -22.73
N VAL A 36 -44.51 25.51 -22.96
CA VAL A 36 -45.29 25.49 -24.19
C VAL A 36 -46.03 26.82 -24.39
N ASN A 37 -46.01 27.63 -23.33
CA ASN A 37 -46.64 28.96 -23.35
C ASN A 37 -46.11 29.80 -24.50
N ARG A 38 -44.82 29.68 -24.79
CA ARG A 38 -44.19 30.48 -25.84
C ARG A 38 -43.61 29.70 -27.00
N VAL A 39 -44.05 28.46 -27.19
CA VAL A 39 -43.49 27.66 -28.29
C VAL A 39 -44.29 27.74 -29.59
N SER A 40 -43.57 27.94 -30.69
CA SER A 40 -44.19 27.99 -32.01
C SER A 40 -44.42 26.54 -32.39
N ALA A 41 -45.47 26.26 -33.14
CA ALA A 41 -45.70 24.89 -33.56
C ALA A 41 -44.54 24.55 -34.49
N GLU A 42 -44.02 25.56 -35.16
CA GLU A 42 -42.91 25.40 -36.10
C GLU A 42 -41.64 25.02 -35.32
N ASP A 43 -41.40 25.73 -34.21
CA ASP A 43 -40.23 25.48 -33.38
C ASP A 43 -40.31 24.16 -32.65
N PHE A 44 -41.51 23.66 -32.43
CA PHE A 44 -41.70 22.42 -31.72
C PHE A 44 -41.48 21.22 -32.64
N ALA A 45 -41.91 21.34 -33.89
CA ALA A 45 -41.78 20.26 -34.86
C ALA A 45 -40.35 19.91 -35.26
N GLN A 46 -39.43 20.86 -35.09
CA GLN A 46 -38.03 20.65 -35.46
C GLN A 46 -37.36 19.49 -34.72
N TYR A 47 -37.78 19.24 -33.49
CA TYR A 47 -37.16 18.16 -32.73
C TYR A 47 -37.66 16.78 -33.09
N GLN A 48 -36.71 15.85 -33.26
CA GLN A 48 -37.03 14.47 -33.59
C GLN A 48 -37.10 13.68 -32.27
N PHE A 49 -36.60 14.31 -31.19
CA PHE A 49 -36.63 13.69 -29.88
C PHE A 49 -37.26 14.67 -28.90
N LEU A 50 -38.22 14.20 -28.11
CA LEU A 50 -38.92 15.07 -27.16
C LEU A 50 -39.09 14.52 -25.75
N ILE A 51 -38.91 15.40 -24.77
CA ILE A 51 -39.12 15.05 -23.38
C ILE A 51 -40.15 16.08 -22.92
N LEU A 52 -41.33 15.61 -22.53
CA LEU A 52 -42.43 16.50 -22.14
C LEU A 52 -42.99 16.30 -20.74
N GLY A 53 -43.14 17.39 -19.99
CA GLY A 53 -43.68 17.28 -18.64
C GLY A 53 -44.99 18.05 -18.46
N THR A 54 -45.84 17.56 -17.54
CA THR A 54 -47.11 18.20 -17.26
C THR A 54 -47.76 17.79 -15.95
N PRO A 55 -48.35 18.76 -15.24
CA PRO A 55 -49.00 18.38 -13.99
C PRO A 55 -50.43 18.09 -14.42
N THR A 56 -51.28 17.69 -13.48
CA THR A 56 -52.69 17.44 -13.76
C THR A 56 -53.47 18.43 -12.89
N LEU A 57 -54.43 19.14 -13.47
CA LEU A 57 -55.21 20.11 -12.71
C LEU A 57 -56.71 19.84 -12.67
N GLY A 58 -57.44 20.76 -12.05
CA GLY A 58 -58.88 20.65 -11.90
C GLY A 58 -59.61 19.62 -12.73
N GLU A 59 -60.23 18.66 -12.07
CA GLU A 59 -60.98 17.62 -12.77
C GLU A 59 -60.08 16.73 -13.63
N GLY A 60 -58.92 16.36 -13.11
CA GLY A 60 -58.01 15.52 -13.86
C GLY A 60 -57.80 15.97 -15.30
N GLU A 61 -57.59 17.27 -15.49
CA GLU A 61 -57.38 17.85 -16.81
C GLU A 61 -55.96 18.36 -16.99
N LEU A 62 -55.61 18.66 -18.24
CA LEU A 62 -54.30 19.22 -18.56
C LEU A 62 -54.28 20.66 -18.08
N PRO A 63 -53.10 21.19 -17.70
CA PRO A 63 -53.13 22.58 -17.26
C PRO A 63 -53.60 23.41 -18.44
N GLY A 64 -54.30 24.51 -18.15
CA GLY A 64 -54.82 25.38 -19.19
C GLY A 64 -55.88 26.29 -18.63
N LEU A 65 -56.43 27.18 -19.46
CA LEU A 65 -57.44 28.10 -18.97
C LEU A 65 -58.71 27.43 -18.44
N SER A 66 -59.06 26.27 -18.99
CA SER A 66 -60.26 25.54 -18.54
C SER A 66 -60.07 24.98 -17.14
N SER A 67 -58.82 24.65 -16.81
CA SER A 67 -58.48 24.12 -15.50
C SER A 67 -58.07 25.24 -14.52
N ASP A 68 -58.28 26.49 -14.94
CA ASP A 68 -57.98 27.67 -14.12
C ASP A 68 -56.50 27.96 -13.86
N ALA A 69 -55.65 27.61 -14.82
CA ALA A 69 -54.23 27.90 -14.70
C ALA A 69 -54.14 29.40 -14.88
N GLU A 70 -53.15 30.02 -14.25
CA GLU A 70 -53.00 31.47 -14.39
C GLU A 70 -52.90 31.83 -15.85
N ASN A 71 -51.98 31.19 -16.56
CA ASN A 71 -51.79 31.45 -17.99
C ASN A 71 -52.02 30.18 -18.80
N GLU A 72 -52.06 30.35 -20.11
CA GLU A 72 -52.26 29.22 -21.01
C GLU A 72 -51.25 28.11 -20.77
N SER A 73 -51.50 26.95 -21.37
CA SER A 73 -50.62 25.82 -21.21
C SER A 73 -50.98 24.73 -22.21
N TRP A 74 -50.59 23.50 -21.88
CA TRP A 74 -50.87 22.35 -22.72
C TRP A 74 -52.22 22.36 -23.42
N GLU A 75 -53.29 22.65 -22.69
CA GLU A 75 -54.62 22.67 -23.26
C GLU A 75 -54.69 23.50 -24.56
N GLU A 76 -54.15 24.72 -24.52
CA GLU A 76 -54.18 25.59 -25.68
C GLU A 76 -53.07 25.33 -26.70
N PHE A 77 -51.98 24.70 -26.27
CA PHE A 77 -50.87 24.42 -27.16
C PHE A 77 -51.13 23.22 -28.07
N LEU A 78 -51.72 22.18 -27.52
CA LEU A 78 -52.01 20.98 -28.29
C LEU A 78 -52.72 21.25 -29.63
N PRO A 79 -53.75 22.11 -29.62
CA PRO A 79 -54.44 22.40 -30.88
C PRO A 79 -53.50 23.00 -31.93
N LYS A 80 -52.42 23.62 -31.48
CA LYS A 80 -51.47 24.24 -32.40
C LYS A 80 -50.63 23.22 -33.12
N ILE A 81 -50.47 22.04 -32.53
CA ILE A 81 -49.66 20.99 -33.12
C ILE A 81 -50.45 19.75 -33.51
N GLU A 82 -51.76 19.77 -33.26
CA GLU A 82 -52.59 18.61 -33.58
C GLU A 82 -52.53 18.19 -35.05
N GLY A 83 -52.14 19.12 -35.91
CA GLY A 83 -52.04 18.81 -37.32
C GLY A 83 -50.69 18.21 -37.66
N LEU A 84 -49.81 18.15 -36.66
CA LEU A 84 -48.47 17.61 -36.86
C LEU A 84 -48.44 16.08 -36.74
N ASP A 85 -47.53 15.47 -37.49
CA ASP A 85 -47.37 14.01 -37.47
C ASP A 85 -46.10 13.69 -36.70
N PHE A 86 -46.17 12.72 -35.79
CA PHE A 86 -44.96 12.39 -35.04
C PHE A 86 -44.37 11.02 -35.36
N SER A 87 -44.81 10.43 -36.46
CA SER A 87 -44.29 9.16 -36.89
C SER A 87 -42.79 9.34 -37.06
N GLY A 88 -42.01 8.36 -36.64
CA GLY A 88 -40.57 8.47 -36.76
C GLY A 88 -39.90 9.29 -35.68
N LYS A 89 -40.70 9.89 -34.78
CA LYS A 89 -40.13 10.68 -33.70
C LYS A 89 -40.21 9.94 -32.38
N THR A 90 -39.35 10.31 -31.44
CA THR A 90 -39.33 9.65 -30.14
C THR A 90 -39.72 10.64 -29.03
N VAL A 91 -40.62 10.20 -28.15
CA VAL A 91 -41.10 11.04 -27.06
C VAL A 91 -41.03 10.32 -25.72
N ALA A 92 -40.73 11.10 -24.68
CA ALA A 92 -40.67 10.59 -23.32
C ALA A 92 -41.55 11.56 -22.51
N LEU A 93 -42.42 11.02 -21.66
CA LEU A 93 -43.31 11.87 -20.88
C LEU A 93 -43.13 11.75 -19.37
N PHE A 94 -43.34 12.86 -18.66
CA PHE A 94 -43.25 12.84 -17.20
C PHE A 94 -44.33 13.73 -16.61
N GLY A 95 -45.08 13.19 -15.66
CA GLY A 95 -46.14 13.98 -15.06
C GLY A 95 -46.00 14.15 -13.57
N LEU A 96 -46.58 15.22 -13.06
CA LEU A 96 -46.57 15.50 -11.63
C LEU A 96 -48.05 15.45 -11.24
N GLY A 97 -48.31 15.11 -9.98
CA GLY A 97 -49.68 15.04 -9.50
C GLY A 97 -49.71 14.85 -8.00
N ASP A 98 -50.91 14.81 -7.43
CA ASP A 98 -51.08 14.62 -6.01
C ASP A 98 -51.91 13.37 -5.82
N GLN A 99 -51.22 12.27 -5.53
CA GLN A 99 -51.87 10.98 -5.33
C GLN A 99 -52.73 10.91 -4.08
N VAL A 100 -52.47 11.78 -3.12
CA VAL A 100 -53.22 11.76 -1.89
C VAL A 100 -54.54 12.49 -2.05
N GLY A 101 -54.46 13.71 -2.58
CA GLY A 101 -55.65 14.51 -2.78
C GLY A 101 -56.48 14.13 -4.00
N TYR A 102 -55.94 13.28 -4.87
CA TYR A 102 -56.68 12.86 -6.07
C TYR A 102 -56.38 11.41 -6.43
N PRO A 103 -56.68 10.49 -5.49
CA PRO A 103 -56.45 9.06 -5.70
C PRO A 103 -57.07 8.46 -6.95
N GLU A 104 -58.13 9.07 -7.47
CA GLU A 104 -58.77 8.56 -8.67
C GLU A 104 -58.43 9.31 -9.94
N ASN A 105 -57.55 10.30 -9.83
CA ASN A 105 -57.16 11.08 -11.01
C ASN A 105 -55.67 11.36 -11.02
N TYR A 106 -54.90 10.55 -10.29
CA TYR A 106 -53.46 10.74 -10.22
C TYR A 106 -52.83 10.67 -11.61
N LEU A 107 -52.32 11.81 -12.07
CA LEU A 107 -51.65 11.92 -13.36
C LEU A 107 -52.50 11.75 -14.61
N ASP A 108 -53.80 12.00 -14.52
CA ASP A 108 -54.63 11.86 -15.70
C ASP A 108 -54.11 12.67 -16.88
N ALA A 109 -53.63 13.88 -16.62
CA ALA A 109 -53.13 14.73 -17.71
C ALA A 109 -52.02 14.01 -18.48
N LEU A 110 -51.23 13.23 -17.76
CA LEU A 110 -50.13 12.48 -18.39
C LEU A 110 -50.76 11.51 -19.38
N GLY A 111 -51.89 10.91 -19.00
CA GLY A 111 -52.58 9.99 -19.87
C GLY A 111 -53.00 10.68 -21.15
N GLU A 112 -53.64 11.83 -21.01
CA GLU A 112 -54.09 12.59 -22.18
C GLU A 112 -52.93 13.00 -23.07
N LEU A 113 -51.82 13.40 -22.47
CA LEU A 113 -50.64 13.81 -23.24
C LEU A 113 -50.08 12.60 -24.00
N TYR A 114 -50.13 11.45 -23.35
CA TYR A 114 -49.67 10.18 -23.92
C TYR A 114 -50.42 9.92 -25.24
N SER A 115 -51.74 9.91 -25.15
CA SER A 115 -52.59 9.65 -26.28
C SER A 115 -52.37 10.63 -27.43
N PHE A 116 -52.24 11.91 -27.12
CA PHE A 116 -52.04 12.92 -28.16
C PHE A 116 -50.93 12.49 -29.10
N PHE A 117 -49.75 12.25 -28.54
CA PHE A 117 -48.59 11.85 -29.33
C PHE A 117 -48.64 10.39 -29.79
N LYS A 118 -49.17 9.52 -28.96
CA LYS A 118 -49.28 8.11 -29.33
C LYS A 118 -50.15 8.02 -30.59
N ASP A 119 -51.27 8.74 -30.60
CA ASP A 119 -52.18 8.73 -31.75
C ASP A 119 -51.50 9.33 -32.99
N ARG A 120 -50.40 10.05 -32.79
CA ARG A 120 -49.66 10.66 -33.90
C ARG A 120 -48.55 9.80 -34.45
N GLY A 121 -48.47 8.55 -34.02
CA GLY A 121 -47.45 7.65 -34.52
C GLY A 121 -46.09 7.76 -33.83
N ALA A 122 -46.01 8.60 -32.81
CA ALA A 122 -44.75 8.77 -32.09
C ALA A 122 -44.30 7.48 -31.41
N LYS A 123 -42.98 7.33 -31.27
CA LYS A 123 -42.46 6.19 -30.55
C LYS A 123 -42.41 6.71 -29.12
N ILE A 124 -43.07 6.02 -28.20
CA ILE A 124 -43.07 6.48 -26.82
C ILE A 124 -42.26 5.57 -25.91
N VAL A 125 -41.37 6.16 -25.12
CA VAL A 125 -40.52 5.40 -24.20
C VAL A 125 -40.56 6.04 -22.81
N GLY A 126 -40.19 5.26 -21.80
CA GLY A 126 -40.21 5.78 -20.44
C GLY A 126 -41.38 5.32 -19.58
N SER A 127 -41.86 4.09 -19.81
CA SER A 127 -42.96 3.58 -18.98
C SER A 127 -42.38 3.44 -17.58
N TRP A 128 -43.22 3.63 -16.57
CA TRP A 128 -42.76 3.58 -15.17
C TRP A 128 -43.61 2.70 -14.27
N SER A 129 -42.95 2.02 -13.33
CA SER A 129 -43.63 1.13 -12.40
C SER A 129 -44.56 1.84 -11.42
N THR A 130 -45.65 1.18 -11.04
CA THR A 130 -46.61 1.76 -10.10
C THR A 130 -46.18 1.51 -8.65
N ASP A 131 -45.18 0.66 -8.45
CA ASP A 131 -44.70 0.38 -7.10
C ASP A 131 -44.27 1.67 -6.43
N GLY A 132 -44.66 1.85 -5.17
CA GLY A 132 -44.28 3.05 -4.44
C GLY A 132 -45.29 4.17 -4.51
N TYR A 133 -46.43 3.92 -5.15
CA TYR A 133 -47.47 4.94 -5.28
C TYR A 133 -48.80 4.49 -4.68
N GLU A 134 -49.46 5.42 -3.99
CA GLU A 134 -50.75 5.15 -3.37
C GLU A 134 -51.83 5.93 -4.12
N PHE A 135 -52.59 5.22 -4.96
CA PHE A 135 -53.67 5.82 -5.73
C PHE A 135 -54.65 4.72 -6.13
N GLU A 136 -55.86 5.10 -6.54
CA GLU A 136 -56.87 4.13 -6.94
C GLU A 136 -56.95 3.93 -8.45
N SER A 137 -56.99 5.03 -9.19
CA SER A 137 -57.05 4.94 -10.64
C SER A 137 -56.32 6.08 -11.32
N SER A 138 -55.81 5.81 -12.52
CA SER A 138 -55.07 6.82 -13.27
C SER A 138 -55.26 6.58 -14.75
N GLU A 139 -55.43 7.65 -15.51
CA GLU A 139 -55.60 7.49 -16.93
C GLU A 139 -54.24 7.43 -17.60
N ALA A 140 -53.21 7.54 -16.76
CA ALA A 140 -51.83 7.48 -17.23
C ALA A 140 -51.33 6.03 -17.10
N VAL A 141 -52.19 5.15 -16.64
CA VAL A 141 -51.82 3.74 -16.48
C VAL A 141 -52.34 2.89 -17.63
N VAL A 142 -51.43 2.18 -18.29
CA VAL A 142 -51.75 1.29 -19.39
C VAL A 142 -51.04 -0.04 -19.12
N ASP A 143 -51.81 -1.09 -18.92
CA ASP A 143 -51.28 -2.42 -18.63
C ASP A 143 -50.51 -2.42 -17.31
N GLY A 144 -51.15 -1.88 -16.28
CA GLY A 144 -50.57 -1.82 -14.95
C GLY A 144 -49.23 -1.12 -14.83
N LYS A 145 -49.00 -0.09 -15.65
CA LYS A 145 -47.73 0.64 -15.61
C LYS A 145 -47.98 2.06 -16.10
N PHE A 146 -47.26 3.03 -15.53
CA PHE A 146 -47.42 4.43 -15.95
C PHE A 146 -46.82 4.59 -17.34
N VAL A 147 -47.46 5.40 -18.18
CA VAL A 147 -46.99 5.61 -19.54
C VAL A 147 -45.76 6.50 -19.58
N GLY A 148 -45.53 7.20 -18.49
CA GLY A 148 -44.39 8.09 -18.36
C GLY A 148 -43.97 8.17 -16.90
N LEU A 149 -42.85 8.83 -16.63
CA LEU A 149 -42.36 8.97 -15.25
C LEU A 149 -43.44 9.54 -14.34
N ALA A 150 -43.67 8.90 -13.19
CA ALA A 150 -44.67 9.39 -12.24
C ALA A 150 -43.98 10.08 -11.09
N LEU A 151 -44.34 11.33 -10.84
CA LEU A 151 -43.75 12.12 -9.77
C LEU A 151 -44.85 12.71 -8.89
N ASP A 152 -44.49 13.04 -7.65
CA ASP A 152 -45.42 13.65 -6.70
C ASP A 152 -44.59 14.48 -5.73
N LEU A 153 -44.54 15.79 -5.97
CA LEU A 153 -43.77 16.67 -5.11
C LEU A 153 -44.61 17.23 -3.98
N ASP A 154 -45.89 16.82 -3.93
CA ASP A 154 -46.77 17.27 -2.86
C ASP A 154 -46.58 16.32 -1.71
N ASN A 155 -46.58 15.02 -2.00
CA ASN A 155 -46.44 14.00 -0.96
C ASN A 155 -45.16 13.17 -0.96
N GLN A 156 -44.38 13.24 -2.04
CA GLN A 156 -43.17 12.43 -2.12
C GLN A 156 -41.99 13.18 -2.73
N SER A 157 -41.75 14.39 -2.27
CA SER A 157 -40.65 15.16 -2.83
C SER A 157 -39.33 14.43 -2.55
N GLY A 158 -39.34 13.58 -1.53
CA GLY A 158 -38.15 12.84 -1.16
C GLY A 158 -37.62 11.83 -2.18
N LYS A 159 -38.47 11.40 -3.11
CA LYS A 159 -38.05 10.42 -4.11
C LYS A 159 -37.90 10.97 -5.51
N THR A 160 -38.10 12.27 -5.68
CA THR A 160 -37.99 12.89 -7.00
C THR A 160 -36.65 12.66 -7.69
N ASP A 161 -35.56 13.04 -7.03
CA ASP A 161 -34.21 12.88 -7.60
C ASP A 161 -33.95 11.43 -7.96
N GLU A 162 -34.27 10.54 -7.02
CA GLU A 162 -34.10 9.12 -7.23
C GLU A 162 -34.89 8.67 -8.45
N ARG A 163 -36.15 9.10 -8.52
CA ARG A 163 -36.99 8.72 -9.64
C ARG A 163 -36.52 9.31 -10.97
N VAL A 164 -36.22 10.59 -10.99
CA VAL A 164 -35.75 11.26 -12.20
C VAL A 164 -34.45 10.69 -12.78
N ALA A 165 -33.48 10.40 -11.90
CA ALA A 165 -32.20 9.87 -12.35
C ALA A 165 -32.38 8.52 -13.03
N ALA A 166 -33.13 7.63 -12.36
CA ALA A 166 -33.41 6.30 -12.88
C ALA A 166 -34.17 6.33 -14.19
N TRP A 167 -35.12 7.26 -14.31
CA TRP A 167 -35.93 7.38 -15.52
C TRP A 167 -35.03 7.82 -16.66
N LEU A 168 -34.14 8.76 -16.38
CA LEU A 168 -33.22 9.24 -17.41
C LEU A 168 -32.34 8.09 -17.86
N ALA A 169 -31.85 7.31 -16.90
CA ALA A 169 -31.01 6.16 -17.20
C ALA A 169 -31.83 5.18 -18.05
N GLN A 170 -33.10 5.06 -17.74
CA GLN A 170 -33.96 4.16 -18.50
C GLN A 170 -34.16 4.56 -19.96
N ILE A 171 -34.41 5.84 -20.21
CA ILE A 171 -34.65 6.29 -21.57
C ILE A 171 -33.42 6.67 -22.41
N ALA A 172 -32.27 6.80 -21.76
CA ALA A 172 -31.03 7.18 -22.44
C ALA A 172 -30.73 6.50 -23.78
N PRO A 173 -30.85 5.17 -23.86
CA PRO A 173 -30.56 4.51 -25.14
C PRO A 173 -31.44 5.04 -26.27
N GLU A 174 -32.74 5.19 -26.00
CA GLU A 174 -33.67 5.69 -27.00
C GLU A 174 -33.45 7.15 -27.39
N PHE A 175 -32.61 7.85 -26.64
CA PHE A 175 -32.31 9.25 -26.97
C PHE A 175 -30.88 9.43 -27.40
N GLY A 176 -30.23 8.35 -27.79
CA GLY A 176 -28.84 8.43 -28.22
C GLY A 176 -27.89 9.08 -27.23
N LEU A 177 -28.18 8.96 -25.95
CA LEU A 177 -27.33 9.52 -24.90
C LEU A 177 -26.29 8.44 -24.58
N SER A 178 -25.15 8.82 -24.01
CA SER A 178 -24.15 7.82 -23.71
C SER A 178 -24.44 7.23 -22.32
N LEU A 179 -25.31 7.91 -21.60
CA LEU A 179 -25.69 7.50 -20.26
C LEU A 179 -25.82 5.98 -20.19
N ALA B 1 39.79 -32.61 25.59
CA ALA B 1 40.18 -32.38 27.02
C ALA B 1 40.21 -30.88 27.32
N LYS B 2 41.23 -30.47 28.07
CA LYS B 2 41.40 -29.07 28.47
C LYS B 2 41.80 -28.14 27.34
N ILE B 3 41.28 -26.92 27.42
CA ILE B 3 41.58 -25.89 26.45
C ILE B 3 42.78 -25.10 26.96
N GLY B 4 43.81 -25.01 26.13
CA GLY B 4 44.98 -24.24 26.51
C GLY B 4 44.77 -22.81 26.09
N LEU B 5 44.68 -21.92 27.07
CA LEU B 5 44.48 -20.50 26.79
C LEU B 5 45.85 -19.82 26.84
N PHE B 6 46.34 -19.37 25.68
CA PHE B 6 47.63 -18.69 25.64
C PHE B 6 47.48 -17.32 25.01
N PHE B 7 48.32 -16.38 25.42
CA PHE B 7 48.24 -15.04 24.90
C PHE B 7 49.58 -14.31 24.88
N GLY B 8 49.61 -13.23 24.09
CA GLY B 8 50.77 -12.39 23.98
C GLY B 8 50.24 -10.99 24.15
N SER B 9 50.99 -10.12 24.82
CA SER B 9 50.51 -8.76 25.04
C SER B 9 51.63 -7.79 25.33
N ASN B 10 51.39 -6.50 25.09
CA ASN B 10 52.41 -5.51 25.38
C ASN B 10 51.89 -4.43 26.32
N THR B 11 50.62 -4.03 26.15
CA THR B 11 50.05 -3.04 27.04
C THR B 11 48.92 -3.58 27.92
N GLY B 12 48.89 -4.90 28.09
CA GLY B 12 47.90 -5.53 28.94
C GLY B 12 46.49 -5.81 28.45
N LYS B 13 46.12 -5.27 27.30
CA LYS B 13 44.78 -5.50 26.77
C LYS B 13 44.47 -6.94 26.40
N THR B 14 45.33 -7.56 25.60
CA THR B 14 45.11 -8.95 25.20
C THR B 14 44.99 -9.85 26.41
N ARG B 15 45.85 -9.62 27.41
CA ARG B 15 45.81 -10.39 28.65
C ARG B 15 44.45 -10.19 29.33
N LYS B 16 43.99 -8.94 29.34
CA LYS B 16 42.71 -8.58 29.96
C LYS B 16 41.60 -9.45 29.36
N VAL B 17 41.60 -9.56 28.03
CA VAL B 17 40.63 -10.36 27.32
C VAL B 17 40.75 -11.84 27.68
N ALA B 18 41.98 -12.34 27.72
CA ALA B 18 42.22 -13.74 28.03
C ALA B 18 41.65 -14.09 29.38
N LYS B 19 41.91 -13.26 30.39
CA LYS B 19 41.40 -13.50 31.73
C LYS B 19 39.87 -13.48 31.78
N SER B 20 39.25 -12.57 31.04
CA SER B 20 37.78 -12.50 31.04
C SER B 20 37.19 -13.75 30.37
N ILE B 21 37.97 -14.40 29.51
CA ILE B 21 37.51 -15.62 28.86
C ILE B 21 37.60 -16.72 29.92
N LYS B 22 38.78 -16.81 30.54
CA LYS B 22 39.03 -17.79 31.59
C LYS B 22 38.07 -17.61 32.77
N LYS B 23 37.66 -16.36 33.00
CA LYS B 23 36.77 -16.03 34.11
C LYS B 23 35.53 -16.92 34.25
N ARG B 24 34.99 -17.41 33.14
CA ARG B 24 33.80 -18.25 33.26
C ARG B 24 33.99 -19.74 33.05
N PHE B 25 35.23 -20.24 33.16
CA PHE B 25 35.49 -21.66 32.96
C PHE B 25 36.32 -22.32 34.07
N ASP B 26 36.04 -23.59 34.35
CA ASP B 26 36.74 -24.39 35.37
C ASP B 26 38.23 -24.50 35.14
N ASP B 27 38.93 -24.98 36.15
CA ASP B 27 40.37 -25.22 36.08
C ASP B 27 40.43 -26.69 35.69
N GLU B 28 39.53 -27.09 34.81
CA GLU B 28 39.46 -28.46 34.39
C GLU B 28 39.03 -28.39 32.93
N THR B 29 38.29 -27.33 32.61
CA THR B 29 37.81 -27.09 31.27
C THR B 29 38.86 -26.26 30.51
N MET B 30 39.47 -25.33 31.23
CA MET B 30 40.45 -24.42 30.64
C MET B 30 41.58 -23.99 31.57
N SER B 31 42.78 -23.94 31.01
CA SER B 31 43.96 -23.54 31.78
C SER B 31 43.83 -22.06 32.10
N ASP B 32 44.72 -21.56 32.94
CA ASP B 32 44.74 -20.13 33.29
C ASP B 32 45.20 -19.44 32.02
N ALA B 33 45.03 -18.12 31.94
CA ALA B 33 45.48 -17.39 30.77
C ALA B 33 47.00 -17.37 30.83
N LEU B 34 47.64 -18.09 29.92
CA LEU B 34 49.10 -18.18 29.89
C LEU B 34 49.74 -17.27 28.86
N ASN B 35 50.70 -16.46 29.33
CA ASN B 35 51.43 -15.55 28.45
C ASN B 35 52.53 -16.38 27.81
N VAL B 36 52.54 -16.44 26.48
CA VAL B 36 53.54 -17.21 25.75
C VAL B 36 54.95 -16.71 26.04
N ASN B 37 55.03 -15.68 26.86
CA ASN B 37 56.28 -15.06 27.28
C ASN B 37 57.02 -16.04 28.17
N ARG B 38 56.27 -16.76 29.00
CA ARG B 38 56.81 -17.71 29.96
C ARG B 38 56.55 -19.17 29.64
N VAL B 39 55.79 -19.44 28.58
CA VAL B 39 55.45 -20.81 28.22
C VAL B 39 56.54 -21.60 27.51
N SER B 40 56.68 -22.86 27.91
CA SER B 40 57.66 -23.75 27.31
C SER B 40 56.96 -24.51 26.19
N ALA B 41 57.72 -24.86 25.17
CA ALA B 41 57.19 -25.61 24.04
C ALA B 41 56.51 -26.86 24.54
N GLU B 42 57.15 -27.53 25.50
CA GLU B 42 56.63 -28.77 26.08
C GLU B 42 55.23 -28.59 26.69
N ASP B 43 55.05 -27.54 27.48
CA ASP B 43 53.75 -27.26 28.10
C ASP B 43 52.68 -27.06 27.02
N PHE B 44 52.99 -26.20 26.06
CA PHE B 44 52.10 -25.85 24.97
C PHE B 44 51.57 -27.04 24.18
N ALA B 45 52.43 -28.01 23.92
CA ALA B 45 52.08 -29.19 23.13
C ALA B 45 51.02 -30.14 23.73
N GLN B 46 50.88 -30.13 25.06
CA GLN B 46 49.93 -31.02 25.72
C GLN B 46 48.45 -30.77 25.39
N TYR B 47 48.13 -29.55 24.96
CA TYR B 47 46.74 -29.21 24.67
C TYR B 47 46.18 -29.60 23.30
N GLN B 48 45.07 -30.31 23.34
CA GLN B 48 44.40 -30.77 22.13
C GLN B 48 43.54 -29.62 21.61
N PHE B 49 43.09 -28.78 22.53
CA PHE B 49 42.26 -27.60 22.23
C PHE B 49 43.06 -26.36 22.56
N LEU B 50 42.96 -25.35 21.72
CA LEU B 50 43.69 -24.11 21.93
C LEU B 50 42.91 -22.84 21.62
N ILE B 51 43.05 -21.85 22.50
CA ILE B 51 42.44 -20.55 22.30
C ILE B 51 43.61 -19.59 22.43
N LEU B 52 43.99 -18.97 21.31
CA LEU B 52 45.14 -18.07 21.26
C LEU B 52 44.79 -16.62 20.93
N GLY B 53 45.30 -15.69 21.74
CA GLY B 53 45.03 -14.29 21.52
C GLY B 53 46.31 -13.50 21.25
N THR B 54 46.21 -12.48 20.41
CA THR B 54 47.36 -11.64 20.09
C THR B 54 46.98 -10.30 19.47
N PRO B 55 47.75 -9.26 19.77
CA PRO B 55 47.48 -7.95 19.22
C PRO B 55 48.36 -7.90 17.97
N THR B 56 48.37 -6.77 17.29
CA THR B 56 49.23 -6.59 16.12
C THR B 56 50.08 -5.36 16.45
N LEU B 57 51.37 -5.43 16.17
CA LEU B 57 52.27 -4.32 16.46
C LEU B 57 53.08 -3.96 15.22
N GLY B 58 54.16 -3.20 15.43
CA GLY B 58 55.05 -2.79 14.36
C GLY B 58 54.38 -2.67 12.99
N GLU B 59 53.16 -2.16 12.99
CA GLU B 59 52.43 -1.99 11.74
C GLU B 59 52.36 -3.31 10.97
N GLY B 60 51.63 -4.28 11.52
CA GLY B 60 51.46 -5.57 10.85
C GLY B 60 52.15 -6.81 11.40
N GLU B 61 52.96 -6.68 12.44
CA GLU B 61 53.66 -7.84 12.98
C GLU B 61 53.14 -8.38 14.30
N LEU B 62 53.57 -9.59 14.62
CA LEU B 62 53.21 -10.23 15.88
C LEU B 62 53.99 -9.48 16.96
N PRO B 63 53.51 -9.52 18.20
CA PRO B 63 54.20 -8.81 19.29
C PRO B 63 55.56 -9.43 19.59
N GLY B 64 56.57 -8.58 19.68
CA GLY B 64 57.91 -9.06 19.95
C GLY B 64 58.85 -7.88 20.10
N LEU B 65 60.12 -8.15 20.41
CA LEU B 65 61.09 -7.07 20.59
C LEU B 65 61.37 -6.38 19.25
N SER B 66 61.31 -7.17 18.19
CA SER B 66 61.53 -6.67 16.85
C SER B 66 60.43 -5.63 16.46
N SER B 67 59.19 -5.80 16.94
CA SER B 67 58.09 -4.86 16.63
C SER B 67 57.94 -3.95 17.84
N ASP B 68 59.01 -3.95 18.62
CA ASP B 68 59.10 -3.10 19.77
C ASP B 68 58.10 -3.40 20.89
N ALA B 69 58.33 -4.48 21.61
CA ALA B 69 57.49 -4.85 22.72
C ALA B 69 58.46 -4.88 23.89
N GLU B 70 58.02 -4.49 25.08
CA GLU B 70 58.93 -4.51 26.21
C GLU B 70 59.68 -5.84 26.35
N ASN B 71 58.94 -6.95 26.37
CA ASN B 71 59.54 -8.28 26.51
C ASN B 71 59.25 -9.08 25.25
N GLU B 72 59.74 -10.32 25.21
CA GLU B 72 59.51 -11.18 24.05
C GLU B 72 58.02 -11.58 24.05
N SER B 73 57.57 -12.25 23.00
CA SER B 73 56.17 -12.65 22.92
C SER B 73 55.97 -13.64 21.78
N TRP B 74 54.83 -13.55 21.10
CA TRP B 74 54.52 -14.45 19.99
C TRP B 74 55.64 -14.58 18.96
N GLU B 75 56.23 -13.43 18.59
CA GLU B 75 57.30 -13.40 17.61
C GLU B 75 58.37 -14.43 17.93
N GLU B 76 58.98 -14.29 19.11
CA GLU B 76 60.05 -15.20 19.52
C GLU B 76 59.55 -16.55 20.02
N PHE B 77 58.25 -16.68 20.23
CA PHE B 77 57.69 -17.94 20.70
C PHE B 77 57.43 -18.95 19.60
N LEU B 78 56.83 -18.51 18.50
CA LEU B 78 56.51 -19.39 17.38
C LEU B 78 57.72 -20.23 16.96
N PRO B 79 58.91 -19.63 16.88
CA PRO B 79 60.08 -20.40 16.48
C PRO B 79 60.26 -21.61 17.42
N LYS B 80 59.96 -21.39 18.71
CA LYS B 80 60.10 -22.44 19.71
C LYS B 80 59.18 -23.63 19.46
N ILE B 81 57.99 -23.38 18.94
CA ILE B 81 57.05 -24.46 18.70
C ILE B 81 56.86 -24.77 17.22
N GLU B 82 57.70 -24.18 16.39
CA GLU B 82 57.59 -24.38 14.95
C GLU B 82 57.80 -25.84 14.54
N GLY B 83 58.37 -26.63 15.45
CA GLY B 83 58.61 -28.04 15.16
C GLY B 83 57.49 -28.99 15.57
N LEU B 84 56.49 -28.47 16.28
CA LEU B 84 55.36 -29.28 16.73
C LEU B 84 54.36 -29.56 15.64
N ASP B 85 53.58 -30.62 15.84
CA ASP B 85 52.55 -30.99 14.89
C ASP B 85 51.21 -30.67 15.53
N PHE B 86 50.34 -30.00 14.81
CA PHE B 86 49.02 -29.64 15.34
C PHE B 86 47.89 -30.35 14.63
N SER B 87 48.22 -31.43 13.93
CA SER B 87 47.20 -32.20 13.21
C SER B 87 46.19 -32.73 14.19
N GLY B 88 44.90 -32.63 13.85
CA GLY B 88 43.85 -33.12 14.72
C GLY B 88 43.48 -32.18 15.84
N LYS B 89 44.32 -31.19 16.13
CA LYS B 89 44.06 -30.23 17.19
C LYS B 89 43.17 -29.10 16.73
N THR B 90 42.25 -28.66 17.59
CA THR B 90 41.34 -27.59 17.24
C THR B 90 41.84 -26.28 17.84
N VAL B 91 41.94 -25.26 17.01
CA VAL B 91 42.44 -23.98 17.44
C VAL B 91 41.50 -22.84 17.10
N ALA B 92 41.21 -22.01 18.09
CA ALA B 92 40.36 -20.84 17.91
C ALA B 92 41.25 -19.64 18.21
N LEU B 93 41.14 -18.59 17.41
CA LEU B 93 41.98 -17.42 17.58
C LEU B 93 41.18 -16.14 17.79
N PHE B 94 41.77 -15.20 18.53
CA PHE B 94 41.17 -13.90 18.77
C PHE B 94 42.29 -12.89 18.78
N GLY B 95 42.06 -11.72 18.20
CA GLY B 95 43.10 -10.71 18.18
C GLY B 95 42.62 -9.30 18.39
N LEU B 96 43.49 -8.47 18.94
CA LEU B 96 43.17 -7.08 19.17
C LEU B 96 43.94 -6.23 18.17
N GLY B 97 43.45 -5.01 17.93
CA GLY B 97 44.09 -4.11 17.01
C GLY B 97 43.49 -2.73 17.04
N ASP B 98 43.99 -1.85 16.18
CA ASP B 98 43.52 -0.48 16.09
C ASP B 98 43.18 -0.19 14.63
N GLN B 99 41.92 -0.41 14.26
CA GLN B 99 41.47 -0.22 12.88
C GLN B 99 41.61 1.20 12.36
N VAL B 100 41.42 2.18 13.24
CA VAL B 100 41.52 3.58 12.89
C VAL B 100 42.99 3.96 12.67
N GLY B 101 43.85 3.52 13.57
CA GLY B 101 45.27 3.83 13.46
C GLY B 101 45.99 3.08 12.36
N TYR B 102 45.64 1.81 12.13
CA TYR B 102 46.32 1.03 11.10
C TYR B 102 45.36 0.32 10.14
N PRO B 103 44.63 1.10 9.32
CA PRO B 103 43.66 0.60 8.35
C PRO B 103 44.22 -0.29 7.23
N GLU B 104 45.54 -0.32 7.08
CA GLU B 104 46.12 -1.14 6.03
C GLU B 104 46.69 -2.44 6.59
N ASN B 105 46.74 -2.53 7.92
CA ASN B 105 47.29 -3.71 8.58
C ASN B 105 46.49 -4.10 9.81
N TYR B 106 45.18 -3.87 9.77
CA TYR B 106 44.35 -4.22 10.90
C TYR B 106 44.31 -5.72 11.17
N LEU B 107 44.68 -6.10 12.38
CA LEU B 107 44.71 -7.51 12.82
C LEU B 107 45.65 -8.46 12.07
N ASP B 108 46.64 -7.93 11.37
CA ASP B 108 47.58 -8.77 10.63
C ASP B 108 48.13 -9.95 11.43
N ALA B 109 48.62 -9.69 12.63
CA ALA B 109 49.19 -10.76 13.46
C ALA B 109 48.27 -11.97 13.60
N LEU B 110 46.97 -11.71 13.64
CA LEU B 110 45.97 -12.78 13.78
C LEU B 110 46.04 -13.67 12.53
N GLY B 111 46.41 -13.06 11.40
CA GLY B 111 46.52 -13.80 10.16
C GLY B 111 47.76 -14.67 10.10
N GLU B 112 48.88 -14.18 10.61
CA GLU B 112 50.11 -14.97 10.60
C GLU B 112 49.94 -16.15 11.56
N LEU B 113 49.32 -15.87 12.70
CA LEU B 113 49.08 -16.90 13.72
C LEU B 113 48.18 -17.97 13.07
N TYR B 114 47.18 -17.50 12.33
CA TYR B 114 46.27 -18.39 11.62
C TYR B 114 47.05 -19.29 10.67
N SER B 115 47.94 -18.69 9.88
CA SER B 115 48.74 -19.44 8.93
C SER B 115 49.71 -20.42 9.60
N PHE B 116 50.37 -19.98 10.66
CA PHE B 116 51.31 -20.84 11.39
C PHE B 116 50.67 -22.16 11.83
N PHE B 117 49.48 -22.08 12.41
CA PHE B 117 48.80 -23.28 12.87
C PHE B 117 48.09 -24.04 11.76
N LYS B 118 47.41 -23.32 10.88
CA LYS B 118 46.71 -23.95 9.76
C LYS B 118 47.73 -24.77 8.93
N ASP B 119 48.90 -24.19 8.69
CA ASP B 119 49.93 -24.88 7.91
C ASP B 119 50.41 -26.16 8.61
N ARG B 120 50.19 -26.24 9.92
CA ARG B 120 50.58 -27.43 10.67
C ARG B 120 49.44 -28.42 10.88
N GLY B 121 48.45 -28.37 10.00
CA GLY B 121 47.32 -29.30 10.11
C GLY B 121 46.21 -28.96 11.10
N ALA B 122 46.44 -28.00 11.98
CA ALA B 122 45.42 -27.61 12.96
C ALA B 122 44.09 -27.27 12.31
N LYS B 123 43.02 -27.39 13.10
CA LYS B 123 41.69 -27.07 12.61
C LYS B 123 41.23 -25.76 13.24
N ILE B 124 41.18 -24.70 12.45
CA ILE B 124 40.77 -23.39 12.93
C ILE B 124 39.25 -23.24 12.93
N VAL B 125 38.70 -22.87 14.08
CA VAL B 125 37.25 -22.64 14.19
C VAL B 125 37.07 -21.27 14.79
N GLY B 126 35.91 -20.67 14.54
CA GLY B 126 35.63 -19.35 15.08
C GLY B 126 35.77 -18.17 14.12
N SER B 127 35.44 -18.35 12.83
CA SER B 127 35.52 -17.25 11.86
C SER B 127 34.60 -16.12 12.36
N TRP B 128 34.92 -14.88 12.04
CA TRP B 128 34.15 -13.73 12.54
C TRP B 128 33.79 -12.68 11.49
N SER B 129 32.56 -12.18 11.54
CA SER B 129 32.09 -11.18 10.57
C SER B 129 32.84 -9.86 10.58
N THR B 130 33.02 -9.28 9.40
CA THR B 130 33.71 -8.00 9.30
C THR B 130 32.77 -6.84 9.51
N ASP B 131 31.47 -7.13 9.56
CA ASP B 131 30.45 -6.11 9.77
C ASP B 131 30.73 -5.31 11.03
N GLY B 132 30.72 -3.99 10.89
CA GLY B 132 30.96 -3.13 12.04
C GLY B 132 32.40 -2.70 12.25
N TYR B 133 33.27 -2.99 11.28
CA TYR B 133 34.67 -2.60 11.36
C TYR B 133 35.05 -1.82 10.12
N GLU B 134 35.90 -0.80 10.28
CA GLU B 134 36.36 0.03 9.16
C GLU B 134 37.86 -0.18 8.98
N PHE B 135 38.26 -0.72 7.83
CA PHE B 135 39.67 -0.94 7.54
C PHE B 135 39.84 -1.11 6.04
N GLU B 136 41.08 -0.98 5.56
CA GLU B 136 41.34 -1.11 4.13
C GLU B 136 41.95 -2.45 3.77
N SER B 137 42.81 -2.97 4.63
CA SER B 137 43.42 -4.26 4.37
C SER B 137 43.70 -4.99 5.67
N SER B 138 43.54 -6.29 5.64
CA SER B 138 43.78 -7.10 6.82
C SER B 138 44.17 -8.52 6.42
N GLU B 139 45.34 -8.94 6.88
CA GLU B 139 45.85 -10.28 6.60
C GLU B 139 45.04 -11.31 7.40
N ALA B 140 44.13 -10.81 8.23
CA ALA B 140 43.29 -11.67 9.06
C ALA B 140 41.96 -12.00 8.38
N VAL B 141 41.79 -11.54 7.14
CA VAL B 141 40.55 -11.81 6.42
C VAL B 141 40.72 -12.91 5.37
N VAL B 142 39.90 -13.95 5.48
CA VAL B 142 39.91 -15.08 4.56
C VAL B 142 38.45 -15.38 4.19
N ASP B 143 38.16 -15.38 2.88
CA ASP B 143 36.81 -15.63 2.40
C ASP B 143 35.77 -14.66 2.99
N GLY B 144 36.08 -13.36 2.94
CA GLY B 144 35.18 -12.34 3.45
C GLY B 144 34.92 -12.35 4.94
N LYS B 145 35.64 -13.19 5.68
CA LYS B 145 35.46 -13.30 7.12
C LYS B 145 36.78 -13.24 7.86
N PHE B 146 36.77 -12.69 9.07
CA PHE B 146 37.99 -12.63 9.88
C PHE B 146 38.29 -14.08 10.27
N VAL B 147 39.56 -14.48 10.27
CA VAL B 147 39.90 -15.86 10.65
C VAL B 147 39.61 -16.13 12.13
N GLY B 148 39.42 -15.06 12.90
CA GLY B 148 39.15 -15.23 14.33
C GLY B 148 38.49 -13.99 14.91
N LEU B 149 38.04 -14.07 16.16
CA LEU B 149 37.39 -12.93 16.80
C LEU B 149 38.20 -11.67 16.54
N ALA B 150 37.51 -10.57 16.22
CA ALA B 150 38.19 -9.30 15.96
C ALA B 150 37.83 -8.27 17.03
N LEU B 151 38.83 -7.71 17.70
CA LEU B 151 38.59 -6.72 18.73
C LEU B 151 39.41 -5.45 18.51
N ASP B 152 38.99 -4.39 19.19
CA ASP B 152 39.66 -3.10 19.12
C ASP B 152 39.27 -2.36 20.39
N LEU B 153 40.21 -2.30 21.33
CA LEU B 153 39.97 -1.64 22.61
C LEU B 153 40.43 -0.19 22.58
N ASP B 154 40.95 0.24 21.44
CA ASP B 154 41.41 1.61 21.25
C ASP B 154 40.27 2.47 20.74
N ASN B 155 39.42 1.87 19.90
CA ASN B 155 38.30 2.59 19.28
C ASN B 155 36.92 2.02 19.58
N GLN B 156 36.84 0.73 19.86
CA GLN B 156 35.54 0.12 20.14
C GLN B 156 35.57 -0.72 21.41
N SER B 157 36.31 -0.26 22.42
CA SER B 157 36.43 -1.00 23.66
C SER B 157 35.09 -1.35 24.30
N GLY B 158 34.06 -0.56 23.99
CA GLY B 158 32.75 -0.82 24.55
C GLY B 158 32.01 -2.00 23.94
N LYS B 159 32.49 -2.51 22.83
CA LYS B 159 31.82 -3.65 22.19
C LYS B 159 32.51 -4.96 22.54
N THR B 160 33.68 -4.86 23.16
CA THR B 160 34.47 -6.01 23.53
C THR B 160 33.76 -7.18 24.23
N ASP B 161 33.07 -6.89 25.33
CA ASP B 161 32.37 -7.95 26.07
C ASP B 161 31.34 -8.70 25.25
N GLU B 162 30.45 -7.97 24.58
CA GLU B 162 29.43 -8.62 23.77
C GLU B 162 30.05 -9.47 22.66
N ARG B 163 31.07 -8.94 22.00
CA ARG B 163 31.74 -9.69 20.93
C ARG B 163 32.30 -11.02 21.42
N VAL B 164 33.04 -10.96 22.51
CA VAL B 164 33.65 -12.14 23.11
C VAL B 164 32.62 -13.19 23.52
N ALA B 165 31.52 -12.74 24.12
CA ALA B 165 30.46 -13.64 24.55
C ALA B 165 29.85 -14.35 23.35
N ALA B 166 29.58 -13.60 22.30
CA ALA B 166 29.00 -14.20 21.10
C ALA B 166 30.02 -15.16 20.46
N TRP B 167 31.29 -14.75 20.41
CA TRP B 167 32.33 -15.60 19.81
C TRP B 167 32.37 -16.91 20.58
N LEU B 168 32.34 -16.79 21.91
CA LEU B 168 32.36 -17.96 22.78
C LEU B 168 31.18 -18.88 22.52
N ALA B 169 29.98 -18.32 22.49
CA ALA B 169 28.77 -19.10 22.23
C ALA B 169 28.87 -19.76 20.86
N GLN B 170 29.57 -19.08 19.95
CA GLN B 170 29.76 -19.54 18.59
C GLN B 170 30.69 -20.75 18.47
N ILE B 171 31.73 -20.80 19.30
CA ILE B 171 32.67 -21.92 19.23
C ILE B 171 32.44 -23.01 20.29
N ALA B 172 31.61 -22.71 21.28
CA ALA B 172 31.35 -23.66 22.36
C ALA B 172 31.20 -25.12 21.91
N PRO B 173 30.36 -25.39 20.89
CA PRO B 173 30.18 -26.76 20.42
C PRO B 173 31.46 -27.46 19.97
N GLU B 174 32.36 -26.72 19.32
CA GLU B 174 33.61 -27.29 18.86
C GLU B 174 34.54 -27.66 20.00
N PHE B 175 34.29 -27.08 21.17
CA PHE B 175 35.09 -27.35 22.35
C PHE B 175 34.25 -28.06 23.41
N GLY B 176 33.03 -28.42 23.05
CA GLY B 176 32.16 -29.09 23.99
C GLY B 176 32.02 -28.27 25.26
N LEU B 177 32.02 -26.95 25.10
CA LEU B 177 31.89 -26.03 26.22
C LEU B 177 30.44 -25.86 26.65
N SER B 178 30.22 -25.88 27.96
CA SER B 178 28.90 -25.71 28.52
C SER B 178 28.86 -24.30 29.10
N LEU B 179 28.19 -23.42 28.39
CA LEU B 179 28.08 -22.02 28.78
C LEU B 179 27.07 -21.79 29.91
S SO4 C . -40.22 1.68 -22.33
O1 SO4 C . -39.25 2.75 -22.04
O2 SO4 C . -39.94 0.53 -21.48
O3 SO4 C . -41.58 2.18 -22.08
O4 SO4 C . -40.10 1.30 -23.76
S SO4 D . -41.11 29.84 -17.66
O1 SO4 D . -39.97 28.93 -17.43
O2 SO4 D . -42.30 29.35 -16.92
O3 SO4 D . -40.77 31.20 -17.20
O4 SO4 D . -41.41 29.87 -19.11
S SO4 E . -36.32 33.99 -21.13
O1 SO4 E . -35.12 33.20 -20.81
O2 SO4 E . -37.45 33.52 -20.31
O3 SO4 E . -36.06 35.40 -20.83
O4 SO4 E . -36.63 33.86 -22.56
S SO4 F . -26.01 26.41 -15.63
O1 SO4 F . -25.12 25.38 -15.06
O2 SO4 F . -27.38 26.20 -15.14
O3 SO4 F . -25.54 27.74 -15.21
O4 SO4 F . -25.97 26.31 -17.10
N1 FMN G . -52.93 15.95 -9.36
C2 FMN G . -53.33 14.76 -9.91
O2 FMN G . -52.69 13.71 -10.08
N3 FMN G . -54.72 14.65 -10.38
C4 FMN G . -55.64 15.73 -10.28
O4 FMN G . -56.77 15.49 -10.72
C4A FMN G . -55.18 16.89 -9.72
N5 FMN G . -56.01 17.86 -9.62
C5A FMN G . -55.62 19.09 -9.05
C6 FMN G . -56.53 20.17 -8.93
C7 FMN G . -56.09 21.42 -8.32
C7M FMN G . -57.27 22.39 -8.31
C8 FMN G . -54.72 21.57 -7.84
C8M FMN G . -54.30 22.84 -7.23
C9 FMN G . -53.83 20.51 -7.96
C9A FMN G . -54.22 19.21 -8.57
N10 FMN G . -53.26 18.18 -8.66
C10 FMN G . -53.72 17.01 -9.22
C1' FMN G . -51.87 18.22 -8.20
C2' FMN G . -50.93 19.07 -9.03
O2' FMN G . -50.88 18.55 -10.34
C3' FMN G . -49.59 19.00 -8.35
O3' FMN G . -49.65 19.85 -7.17
C4' FMN G . -48.36 19.56 -9.13
O4' FMN G . -47.20 19.40 -8.37
C5' FMN G . -48.46 21.04 -9.57
O5' FMN G . -47.55 21.15 -10.70
P FMN G . -47.16 22.60 -11.17
O1P FMN G . -46.20 22.33 -12.36
O2P FMN G . -48.39 23.30 -11.61
O3P FMN G . -46.40 23.32 -10.04
S SO4 H . 33.86 -21.64 11.59
O1 SO4 H . 34.40 -20.80 12.65
O2 SO4 H . 33.50 -22.95 12.15
O3 SO4 H . 32.66 -20.98 11.03
O4 SO4 H . 34.88 -21.81 10.53
S SO4 I . 37.71 -27.19 39.74
O1 SO4 I . 38.40 -26.30 40.70
O2 SO4 I . 37.86 -28.58 40.19
O3 SO4 I . 36.29 -26.83 39.66
O4 SO4 I . 38.33 -27.03 38.41
N1 FMN J . 46.91 -2.60 15.68
C2 FMN J . 46.58 -3.17 14.49
O2 FMN J . 45.51 -3.69 14.15
N3 FMN J . 47.61 -3.21 13.44
C4 FMN J . 48.91 -2.66 13.62
O4 FMN J . 49.65 -2.77 12.63
C4A FMN J . 49.18 -2.08 14.85
N5 FMN J . 50.35 -1.59 15.03
C5A FMN J . 50.70 -0.98 16.25
C6 FMN J . 51.98 -0.42 16.48
C7 FMN J . 52.29 0.20 17.75
C7M FMN J . 53.73 0.72 17.71
C8 FMN J . 51.29 0.25 18.82
C8M FMN J . 51.65 0.89 20.10
C9 FMN J . 50.03 -0.30 18.61
C9A FMN J . 49.66 -0.96 17.32
N10 FMN J . 48.38 -1.48 17.18
C10 FMN J . 48.11 -2.06 15.96
C1' FMN J . 47.29 -1.51 18.16
C2' FMN J . 47.41 -2.62 19.18
O2' FMN J . 47.39 -3.86 18.52
C3' FMN J . 46.24 -2.49 20.09
O3' FMN J . 46.35 -1.23 20.82
C4' FMN J . 46.09 -3.54 21.22
O4' FMN J . 44.93 -3.30 21.97
C5' FMN J . 47.28 -3.65 22.19
O5' FMN J . 47.23 -4.98 22.71
P FMN J . 48.09 -5.29 24.00
O1P FMN J . 47.81 -6.79 24.27
O2P FMN J . 49.53 -5.08 23.68
O3P FMN J . 47.57 -4.45 25.16
#